data_6E7F
#
_entry.id   6E7F
#
_cell.length_a   95.660
_cell.length_b   109.360
_cell.length_c   73.600
_cell.angle_alpha   90.000
_cell.angle_beta   90.000
_cell.angle_gamma   90.000
#
_symmetry.space_group_name_H-M   'P 21 21 2'
#
loop_
_entity.id
_entity.type
_entity.pdbx_description
1 polymer 'Inositol polyphosphate multikinase'
2 non-polymer 'SULFATE ION'
3 water water
#
_entity_poly.entity_id   1
_entity_poly.type   'polypeptide(L)'
_entity_poly.pdbx_seq_one_letter_code
;MHHHHHHENLYFQGMDGTVLKQLQPPPRGPRELEFYNMVYAADCFDGVLLELRKYLPKYYGIWSPPTAPNDLYLKLEDVT
HKFNKPCIMDVKIGQKSYDPFASSEKIQQQVSKYPLMEEIGFLVLGMRVYHVHSDSYETENQHYGRSLTKETIKDGVSRF
FHNGYCLRKDAVAASIQKIEKILQWFENQKQLNFYASSLLFVYEGSSQPTTTKLNDRTLAEKFLSGGGGSGGGGSQEIAE
VEVRMIDFAHVFPSNTIDEGYVYGLKHLISVLRSILDN
;
_entity_poly.pdbx_strand_id   A,B
#
# COMPACT_ATOMS: atom_id res chain seq x y z
N HIS A 4 -19.52 -20.26 -4.77
CA HIS A 4 -18.47 -19.50 -5.46
C HIS A 4 -18.85 -18.95 -6.81
N HIS A 5 -19.93 -19.50 -7.37
CA HIS A 5 -20.39 -19.30 -8.75
C HIS A 5 -21.74 -20.00 -8.94
N HIS A 6 -21.73 -21.25 -9.45
CA HIS A 6 -22.95 -21.78 -10.06
C HIS A 6 -23.54 -23.00 -9.34
N HIS A 7 -24.41 -23.76 -10.03
CA HIS A 7 -25.09 -24.97 -9.52
C HIS A 7 -26.03 -24.55 -8.40
N GLY A 17 -25.87 -30.75 -4.70
CA GLY A 17 -25.78 -29.87 -3.55
C GLY A 17 -24.52 -29.01 -3.50
N THR A 18 -23.61 -29.23 -4.45
CA THR A 18 -22.36 -28.51 -4.49
C THR A 18 -22.53 -27.16 -5.19
N VAL A 19 -21.44 -26.42 -5.26
CA VAL A 19 -21.34 -25.23 -6.09
C VAL A 19 -20.25 -25.49 -7.12
N LEU A 20 -20.51 -25.09 -8.36
CA LEU A 20 -19.55 -25.25 -9.44
C LEU A 20 -18.78 -23.93 -9.62
N LYS A 21 -17.50 -23.94 -9.29
CA LYS A 21 -16.66 -22.77 -9.45
C LYS A 21 -16.02 -22.86 -10.81
N GLN A 22 -16.36 -21.92 -11.70
CA GLN A 22 -15.77 -21.96 -13.02
C GLN A 22 -14.32 -21.50 -12.98
N LEU A 23 -13.42 -22.31 -13.50
CA LEU A 23 -12.02 -21.96 -13.57
C LEU A 23 -11.79 -20.97 -14.69
N GLN A 24 -10.85 -20.06 -14.46
CA GLN A 24 -10.60 -18.97 -15.39
C GLN A 24 -9.53 -19.37 -16.40
N PRO A 25 -9.38 -18.58 -17.46
CA PRO A 25 -8.37 -18.92 -18.46
C PRO A 25 -6.99 -19.00 -17.86
N PRO A 26 -6.12 -19.84 -18.41
CA PRO A 26 -4.73 -19.87 -17.95
C PRO A 26 -4.10 -18.50 -18.04
N PRO A 27 -3.18 -18.17 -17.12
CA PRO A 27 -2.64 -19.01 -16.06
C PRO A 27 -3.48 -19.05 -14.79
N ARG A 28 -4.56 -18.26 -14.72
CA ARG A 28 -5.35 -18.17 -13.49
C ARG A 28 -6.03 -19.49 -13.15
N GLY A 29 -6.70 -20.11 -14.12
CA GLY A 29 -7.41 -21.36 -13.90
C GLY A 29 -6.53 -22.49 -13.38
N PRO A 30 -5.41 -22.77 -14.05
CA PRO A 30 -4.48 -23.78 -13.50
C PRO A 30 -3.93 -23.44 -12.14
N ARG A 31 -3.71 -22.16 -11.82
CA ARG A 31 -3.21 -21.79 -10.49
C ARG A 31 -4.24 -22.12 -9.40
N GLU A 32 -5.50 -21.75 -9.59
CA GLU A 32 -6.51 -22.06 -8.58
C GLU A 32 -6.67 -23.57 -8.40
N LEU A 33 -6.63 -24.33 -9.50
CA LEU A 33 -6.77 -25.77 -9.39
C LEU A 33 -5.55 -26.39 -8.70
N GLU A 34 -4.35 -25.87 -8.98
CA GLU A 34 -3.18 -26.37 -8.26
C GLU A 34 -3.34 -26.14 -6.77
N PHE A 35 -3.73 -24.92 -6.39
CA PHE A 35 -3.94 -24.58 -4.99
C PHE A 35 -4.88 -25.59 -4.31
N TYR A 36 -6.06 -25.80 -4.88
CA TYR A 36 -7.04 -26.69 -4.26
C TYR A 36 -6.50 -28.12 -4.17
N ASN A 37 -5.97 -28.63 -5.27
CA ASN A 37 -5.37 -29.96 -5.24
C ASN A 37 -4.27 -30.04 -4.17
N MET A 38 -3.59 -28.92 -3.92
CA MET A 38 -2.49 -28.91 -2.97
C MET A 38 -2.99 -29.08 -1.54
N VAL A 39 -3.91 -28.21 -1.10
CA VAL A 39 -4.33 -28.32 0.30
C VAL A 39 -5.16 -29.59 0.52
N TYR A 40 -5.83 -30.11 -0.50
CA TYR A 40 -6.67 -31.29 -0.34
C TYR A 40 -6.04 -32.57 -0.86
N ALA A 41 -4.73 -32.58 -1.16
CA ALA A 41 -4.08 -33.82 -1.59
C ALA A 41 -4.15 -34.88 -0.50
N ALA A 42 -4.40 -36.14 -0.91
CA ALA A 42 -4.51 -37.22 0.07
C ALA A 42 -3.21 -37.46 0.81
N ASP A 43 -2.07 -37.39 0.14
CA ASP A 43 -0.82 -37.56 0.88
C ASP A 43 -0.38 -36.30 1.61
N CYS A 44 -1.21 -35.29 1.77
CA CYS A 44 -0.73 -34.06 2.37
C CYS A 44 -0.56 -34.26 3.88
N PHE A 45 0.65 -34.08 4.36
CA PHE A 45 0.96 -34.16 5.77
C PHE A 45 1.60 -32.89 6.30
N ASP A 46 1.45 -31.79 5.56
CA ASP A 46 1.92 -30.48 5.98
C ASP A 46 0.89 -29.83 6.89
N GLY A 47 1.30 -29.62 8.16
CA GLY A 47 0.39 -29.13 9.17
C GLY A 47 -0.23 -27.80 8.82
N VAL A 48 0.54 -26.90 8.19
CA VAL A 48 0.02 -25.59 7.76
C VAL A 48 -1.11 -25.77 6.75
N LEU A 49 -0.91 -26.65 5.76
CA LEU A 49 -1.92 -26.89 4.75
C LEU A 49 -3.11 -27.63 5.34
N LEU A 50 -2.85 -28.64 6.18
CA LEU A 50 -3.95 -29.37 6.81
C LEU A 50 -4.78 -28.45 7.70
N GLU A 51 -4.11 -27.54 8.41
CA GLU A 51 -4.83 -26.55 9.19
C GLU A 51 -5.64 -25.64 8.28
N LEU A 52 -5.08 -25.26 7.13
CA LEU A 52 -5.78 -24.40 6.18
C LEU A 52 -7.15 -24.97 5.78
N ARG A 53 -7.23 -26.30 5.66
CA ARG A 53 -8.48 -26.96 5.25
C ARG A 53 -9.67 -26.48 6.08
N LYS A 54 -9.44 -26.16 7.35
CA LYS A 54 -10.55 -25.72 8.19
C LYS A 54 -11.24 -24.48 7.62
N TYR A 55 -10.50 -23.58 6.95
CA TYR A 55 -11.03 -22.27 6.60
C TYR A 55 -11.54 -22.18 5.17
N LEU A 56 -11.52 -23.29 4.44
CA LEU A 56 -11.84 -23.37 3.04
C LEU A 56 -13.17 -24.10 2.83
N PRO A 57 -13.84 -23.87 1.70
CA PRO A 57 -14.87 -24.82 1.27
C PRO A 57 -14.26 -26.19 1.02
N LYS A 58 -15.01 -27.23 1.36
CA LYS A 58 -14.65 -28.57 0.93
C LYS A 58 -14.55 -28.61 -0.59
N TYR A 59 -13.62 -29.41 -1.08
CA TYR A 59 -13.35 -29.55 -2.50
C TYR A 59 -13.55 -30.99 -2.94
N TYR A 60 -14.38 -31.20 -3.95
CA TYR A 60 -14.75 -32.56 -4.36
C TYR A 60 -14.19 -32.96 -5.72
N GLY A 61 -13.39 -32.12 -6.36
CA GLY A 61 -12.76 -32.46 -7.61
C GLY A 61 -13.23 -31.54 -8.72
N ILE A 62 -12.84 -31.88 -9.94
CA ILE A 62 -13.20 -31.06 -11.08
C ILE A 62 -14.30 -31.73 -11.90
N TRP A 63 -14.88 -30.92 -12.79
CA TRP A 63 -16.08 -31.28 -13.51
C TRP A 63 -16.12 -30.42 -14.76
N SER A 64 -16.43 -31.06 -15.88
CA SER A 64 -16.66 -30.52 -17.20
C SER A 64 -18.09 -30.83 -17.64
N PRO A 65 -18.71 -29.95 -18.41
CA PRO A 65 -20.01 -30.29 -19.01
C PRO A 65 -19.82 -31.11 -20.28
N PRO A 66 -20.69 -32.10 -20.54
CA PRO A 66 -20.46 -33.06 -21.64
C PRO A 66 -20.20 -32.41 -22.97
N THR A 67 -20.65 -31.18 -23.12
CA THR A 67 -20.53 -30.43 -24.36
C THR A 67 -19.22 -29.64 -24.46
N ALA A 68 -18.56 -29.34 -23.35
CA ALA A 68 -17.31 -28.58 -23.37
C ALA A 68 -16.32 -29.31 -22.48
N PRO A 69 -15.56 -30.26 -23.03
CA PRO A 69 -14.66 -31.05 -22.19
C PRO A 69 -13.46 -30.27 -21.71
N ASN A 70 -13.12 -29.17 -22.38
CA ASN A 70 -11.98 -28.33 -22.05
C ASN A 70 -12.37 -27.17 -21.15
N ASP A 71 -13.57 -27.22 -20.59
CA ASP A 71 -14.15 -26.17 -19.77
C ASP A 71 -14.28 -26.75 -18.37
N LEU A 72 -13.47 -26.25 -17.43
CA LEU A 72 -13.22 -26.91 -16.15
C LEU A 72 -13.84 -26.15 -14.98
N TYR A 73 -14.43 -26.90 -14.07
CA TYR A 73 -15.12 -26.34 -12.92
C TYR A 73 -14.65 -27.07 -11.67
N LEU A 74 -14.58 -26.33 -10.58
CA LEU A 74 -14.29 -26.88 -9.27
C LEU A 74 -15.60 -27.28 -8.60
N LYS A 75 -15.65 -28.49 -8.03
CA LYS A 75 -16.79 -28.90 -7.22
C LYS A 75 -16.51 -28.48 -5.78
N LEU A 76 -17.32 -27.57 -5.27
CA LEU A 76 -17.06 -26.98 -3.97
C LEU A 76 -18.27 -27.14 -3.07
N GLU A 77 -18.01 -27.30 -1.77
CA GLU A 77 -19.08 -27.28 -0.80
C GLU A 77 -19.82 -25.95 -0.86
N ASP A 78 -21.15 -26.02 -0.82
CA ASP A 78 -21.98 -24.82 -0.72
C ASP A 78 -22.20 -24.53 0.75
N VAL A 79 -21.40 -23.62 1.33
CA VAL A 79 -21.49 -23.40 2.77
C VAL A 79 -22.75 -22.66 3.20
N THR A 80 -23.56 -22.13 2.26
CA THR A 80 -24.85 -21.58 2.68
C THR A 80 -25.92 -22.64 2.86
N HIS A 81 -25.67 -23.90 2.49
CA HIS A 81 -26.48 -24.99 3.01
C HIS A 81 -26.36 -25.02 4.53
N LYS A 82 -27.28 -25.74 5.17
CA LYS A 82 -27.50 -25.74 6.62
C LYS A 82 -28.28 -24.50 7.05
N PHE A 83 -28.25 -23.45 6.25
CA PHE A 83 -28.84 -22.18 6.64
C PHE A 83 -30.23 -22.03 6.01
N ASN A 84 -31.14 -21.45 6.78
CA ASN A 84 -32.53 -21.29 6.35
C ASN A 84 -32.66 -20.10 5.41
N LYS A 85 -32.46 -18.89 5.95
CA LYS A 85 -32.43 -17.64 5.18
C LYS A 85 -31.07 -17.00 5.42
N PRO A 86 -30.04 -17.45 4.71
CA PRO A 86 -28.67 -17.03 5.05
C PRO A 86 -28.35 -15.62 4.57
N CYS A 87 -27.65 -14.88 5.41
CA CYS A 87 -27.09 -13.60 5.02
C CYS A 87 -25.63 -13.83 4.60
N ILE A 88 -25.24 -13.26 3.46
CA ILE A 88 -23.90 -13.47 2.92
C ILE A 88 -23.23 -12.13 2.56
N MET A 89 -21.94 -12.03 2.89
CA MET A 89 -21.13 -10.88 2.52
C MET A 89 -19.78 -11.35 2.03
N ASP A 90 -19.34 -10.79 0.90
CA ASP A 90 -18.05 -11.10 0.30
C ASP A 90 -17.09 -9.94 0.54
N VAL A 91 -15.93 -10.23 1.12
CA VAL A 91 -14.95 -9.21 1.48
C VAL A 91 -13.59 -9.59 0.90
N LYS A 92 -13.09 -8.78 -0.03
CA LYS A 92 -11.73 -8.95 -0.49
C LYS A 92 -10.74 -8.42 0.55
N ILE A 93 -9.65 -9.17 0.76
CA ILE A 93 -8.68 -8.92 1.84
C ILE A 93 -7.34 -8.55 1.26
N GLY A 94 -6.71 -7.53 1.84
CA GLY A 94 -5.35 -7.13 1.51
C GLY A 94 -5.26 -5.68 1.08
N GLN A 95 -4.02 -5.23 0.95
CA GLN A 95 -3.80 -3.85 0.51
C GLN A 95 -3.65 -3.73 -1.00
N LYS A 96 -3.31 -4.81 -1.68
CA LYS A 96 -3.34 -4.86 -3.14
C LYS A 96 -4.42 -5.84 -3.57
N SER A 97 -5.16 -5.48 -4.61
CA SER A 97 -6.07 -6.39 -5.30
C SER A 97 -5.46 -6.88 -6.61
N TYR A 98 -4.14 -6.98 -6.63
CA TYR A 98 -3.37 -7.39 -7.78
C TYR A 98 -2.17 -8.16 -7.27
N ASP A 99 -1.73 -9.15 -8.05
CA ASP A 99 -0.58 -9.95 -7.68
C ASP A 99 0.70 -9.31 -8.22
N PRO A 100 1.86 -9.73 -7.71
CA PRO A 100 3.11 -9.02 -8.06
C PRO A 100 3.50 -9.09 -9.52
N PHE A 101 2.82 -9.87 -10.34
CA PHE A 101 3.18 -10.05 -11.73
C PHE A 101 2.30 -9.24 -12.67
N ALA A 102 1.28 -8.58 -12.13
CA ALA A 102 0.47 -7.66 -12.90
C ALA A 102 1.32 -6.60 -13.58
N SER A 103 0.95 -6.26 -14.81
CA SER A 103 1.61 -5.18 -15.50
C SER A 103 1.20 -3.84 -14.90
N SER A 104 1.87 -2.79 -15.35
CA SER A 104 1.52 -1.45 -14.91
C SER A 104 0.06 -1.12 -15.24
N GLU A 105 -0.40 -1.49 -16.44
CA GLU A 105 -1.76 -1.15 -16.83
C GLU A 105 -2.78 -1.83 -15.92
N LYS A 106 -2.59 -3.12 -15.65
CA LYS A 106 -3.44 -3.84 -14.71
C LYS A 106 -3.44 -3.13 -13.35
N ILE A 107 -2.26 -2.86 -12.81
CA ILE A 107 -2.13 -2.23 -11.50
C ILE A 107 -2.92 -0.92 -11.46
N GLN A 108 -2.84 -0.12 -12.52
CA GLN A 108 -3.58 1.14 -12.50
C GLN A 108 -5.08 0.92 -12.50
N GLN A 109 -5.56 -0.08 -13.27
CA GLN A 109 -6.99 -0.33 -13.33
C GLN A 109 -7.50 -0.93 -12.02
N GLN A 110 -6.71 -1.78 -11.38
CA GLN A 110 -7.08 -2.33 -10.09
C GLN A 110 -7.04 -1.25 -9.00
N VAL A 111 -5.98 -0.44 -8.98
CA VAL A 111 -5.90 0.62 -7.98
C VAL A 111 -7.02 1.64 -8.20
N SER A 112 -7.30 1.99 -9.47
CA SER A 112 -8.36 2.95 -9.74
C SER A 112 -9.75 2.40 -9.41
N LYS A 113 -9.93 1.08 -9.36
CA LYS A 113 -11.23 0.55 -9.00
C LYS A 113 -11.56 0.83 -7.54
N TYR A 114 -10.56 0.90 -6.66
CA TYR A 114 -10.74 1.26 -5.24
C TYR A 114 -9.44 1.75 -4.61
N PRO A 115 -9.18 3.06 -4.69
CA PRO A 115 -7.90 3.59 -4.21
C PRO A 115 -7.67 3.46 -2.72
N LEU A 116 -8.72 3.35 -1.91
CA LEU A 116 -8.58 3.24 -0.47
C LEU A 116 -8.15 1.85 -0.02
N MET A 117 -8.02 0.90 -0.96
CA MET A 117 -7.59 -0.44 -0.60
C MET A 117 -6.29 -0.39 0.17
N GLU A 118 -5.34 0.40 -0.34
CA GLU A 118 -4.02 0.53 0.28
C GLU A 118 -4.16 0.84 1.77
N GLU A 119 -5.13 1.69 2.13
CA GLU A 119 -5.29 2.18 3.49
C GLU A 119 -6.24 1.36 4.34
N ILE A 120 -7.43 1.01 3.83
CA ILE A 120 -8.41 0.30 4.67
C ILE A 120 -8.04 -1.20 4.80
N GLY A 121 -7.44 -1.81 3.79
CA GLY A 121 -7.02 -3.18 3.89
C GLY A 121 -8.06 -4.21 3.55
N PHE A 122 -9.29 -3.80 3.23
CA PHE A 122 -10.28 -4.74 2.77
C PHE A 122 -11.29 -3.98 1.94
N LEU A 123 -12.04 -4.71 1.12
CA LEU A 123 -13.05 -4.12 0.26
C LEU A 123 -14.29 -4.99 0.33
N VAL A 124 -15.46 -4.36 0.41
CA VAL A 124 -16.71 -5.10 0.48
C VAL A 124 -17.22 -5.28 -0.94
N LEU A 125 -17.34 -6.53 -1.39
CA LEU A 125 -17.71 -6.77 -2.78
C LEU A 125 -19.22 -6.86 -2.99
N GLY A 126 -19.95 -7.41 -2.01
CA GLY A 126 -21.38 -7.62 -2.08
C GLY A 126 -21.97 -8.11 -0.77
N MET A 127 -23.23 -7.79 -0.53
CA MET A 127 -23.98 -8.39 0.57
C MET A 127 -25.38 -8.79 0.09
N ARG A 128 -25.93 -9.80 0.75
CA ARG A 128 -27.34 -10.18 0.69
C ARG A 128 -27.80 -10.44 2.11
N VAL A 129 -28.64 -9.55 2.63
CA VAL A 129 -29.02 -9.53 4.04
C VAL A 129 -30.50 -9.84 4.15
N TYR A 130 -30.83 -10.87 4.93
CA TYR A 130 -32.21 -11.25 5.11
C TYR A 130 -32.87 -10.32 6.11
N HIS A 131 -33.95 -9.67 5.69
CA HIS A 131 -34.73 -8.79 6.53
C HIS A 131 -35.99 -9.53 6.97
N VAL A 132 -36.09 -9.85 8.26
CA VAL A 132 -37.34 -10.38 8.79
C VAL A 132 -38.39 -9.30 8.90
N HIS A 133 -37.99 -8.02 8.74
CA HIS A 133 -38.93 -6.92 8.64
C HIS A 133 -39.77 -6.94 7.37
N SER A 134 -39.54 -7.90 6.47
CA SER A 134 -40.08 -7.78 5.12
C SER A 134 -40.09 -9.12 4.38
N ASP A 135 -39.57 -10.18 5.00
CA ASP A 135 -39.34 -11.45 4.32
C ASP A 135 -38.69 -11.27 2.93
N SER A 136 -37.74 -10.34 2.82
CA SER A 136 -37.07 -10.07 1.55
C SER A 136 -35.58 -9.90 1.79
N TYR A 137 -34.82 -9.94 0.69
CA TYR A 137 -33.37 -9.84 0.72
C TYR A 137 -32.97 -8.47 0.25
N GLU A 138 -32.17 -7.77 1.05
CA GLU A 138 -31.50 -6.55 0.64
C GLU A 138 -30.13 -6.90 0.08
N THR A 139 -29.79 -6.31 -1.07
CA THR A 139 -28.57 -6.64 -1.80
C THR A 139 -27.70 -5.40 -1.98
N GLU A 140 -26.38 -5.57 -1.81
CA GLU A 140 -25.42 -4.54 -2.19
C GLU A 140 -24.44 -5.14 -3.19
N ASN A 141 -24.17 -4.40 -4.27
CA ASN A 141 -23.32 -4.86 -5.34
C ASN A 141 -21.90 -4.29 -5.20
N GLN A 142 -21.15 -4.40 -6.30
CA GLN A 142 -19.78 -3.91 -6.39
C GLN A 142 -19.66 -2.47 -5.90
N HIS A 143 -20.53 -1.60 -6.41
CA HIS A 143 -20.32 -0.17 -6.27
C HIS A 143 -20.58 0.33 -4.85
N TYR A 144 -21.37 -0.38 -4.05
CA TYR A 144 -21.53 0.02 -2.65
C TYR A 144 -20.19 0.04 -1.92
N GLY A 145 -19.51 -1.12 -1.87
CA GLY A 145 -18.22 -1.17 -1.21
C GLY A 145 -17.13 -0.33 -1.88
N ARG A 146 -17.22 -0.13 -3.19
CA ARG A 146 -16.25 0.75 -3.84
C ARG A 146 -16.47 2.21 -3.48
N SER A 147 -17.46 2.50 -2.64
CA SER A 147 -17.82 3.87 -2.27
C SER A 147 -17.57 4.18 -0.81
N LEU A 148 -17.33 3.18 0.03
CA LEU A 148 -17.12 3.41 1.45
C LEU A 148 -15.76 4.03 1.68
N THR A 149 -15.66 4.83 2.73
CA THR A 149 -14.46 5.58 3.07
C THR A 149 -14.06 5.27 4.50
N LYS A 150 -12.91 5.82 4.91
CA LYS A 150 -12.47 5.68 6.30
C LYS A 150 -13.58 6.07 7.24
N GLU A 151 -14.36 7.06 6.84
CA GLU A 151 -15.34 7.63 7.71
C GLU A 151 -16.63 6.81 7.68
N THR A 152 -17.02 6.31 6.51
CA THR A 152 -18.25 5.52 6.38
C THR A 152 -18.06 4.01 6.50
N ILE A 153 -16.82 3.48 6.54
CA ILE A 153 -16.64 2.02 6.46
C ILE A 153 -17.32 1.30 7.63
N LYS A 154 -17.31 1.89 8.83
CA LYS A 154 -17.83 1.21 10.01
C LYS A 154 -19.33 0.98 9.91
N ASP A 155 -20.06 1.96 9.43
CA ASP A 155 -21.48 1.78 9.14
C ASP A 155 -21.69 0.87 7.94
N GLY A 156 -20.87 1.04 6.89
CA GLY A 156 -20.99 0.19 5.72
C GLY A 156 -21.01 -1.28 6.07
N VAL A 157 -20.09 -1.71 6.93
CA VAL A 157 -20.03 -3.12 7.32
C VAL A 157 -21.22 -3.49 8.18
N SER A 158 -21.67 -2.60 9.06
CA SER A 158 -22.75 -2.95 9.97
C SER A 158 -24.07 -3.12 9.25
N ARG A 159 -24.20 -2.56 8.02
CA ARG A 159 -25.37 -2.84 7.20
C ARG A 159 -25.61 -4.35 7.09
N PHE A 160 -24.53 -5.13 6.99
CA PHE A 160 -24.65 -6.57 6.79
C PHE A 160 -25.35 -7.26 7.97
N PHE A 161 -25.27 -6.68 9.17
CA PHE A 161 -25.73 -7.33 10.39
C PHE A 161 -27.06 -6.78 10.93
N HIS A 162 -27.89 -6.16 10.07
CA HIS A 162 -29.18 -5.60 10.50
C HIS A 162 -30.28 -6.57 10.11
N ASN A 163 -30.58 -7.52 11.00
CA ASN A 163 -31.45 -8.66 10.67
C ASN A 163 -32.91 -8.29 10.92
N GLY A 164 -33.49 -7.61 9.93
CA GLY A 164 -34.91 -7.24 9.97
C GLY A 164 -35.10 -5.94 10.73
N TYR A 165 -36.05 -5.95 11.66
CA TYR A 165 -36.42 -4.79 12.48
C TYR A 165 -35.80 -4.82 13.87
N CYS A 166 -35.49 -6.01 14.41
CA CYS A 166 -35.16 -6.15 15.82
C CYS A 166 -33.65 -6.17 16.09
N LEU A 167 -33.11 -7.34 16.43
CA LEU A 167 -31.70 -7.50 16.77
C LEU A 167 -30.82 -6.98 15.63
N ARG A 168 -29.84 -6.14 15.97
CA ARG A 168 -28.66 -5.93 15.13
C ARG A 168 -27.62 -6.95 15.58
N LYS A 169 -27.39 -7.97 14.75
CA LYS A 169 -26.86 -9.22 15.27
C LYS A 169 -25.45 -9.08 15.84
N ASP A 170 -25.36 -8.66 17.11
CA ASP A 170 -24.08 -8.65 17.84
C ASP A 170 -23.53 -10.04 17.99
N ALA A 171 -24.40 -11.00 18.37
CA ALA A 171 -23.97 -12.39 18.51
C ALA A 171 -23.32 -12.90 17.23
N VAL A 172 -23.78 -12.39 16.08
CA VAL A 172 -23.22 -12.74 14.79
C VAL A 172 -21.91 -12.00 14.54
N ALA A 173 -21.86 -10.71 14.88
CA ALA A 173 -20.58 -9.99 14.82
C ALA A 173 -19.55 -10.67 15.71
N ALA A 174 -19.97 -11.16 16.87
CA ALA A 174 -19.03 -11.83 17.77
C ALA A 174 -18.53 -13.15 17.17
N SER A 175 -19.42 -13.94 16.57
CA SER A 175 -18.98 -15.21 16.02
C SER A 175 -17.99 -15.00 14.88
N ILE A 176 -18.39 -14.18 13.91
CA ILE A 176 -17.55 -13.62 12.86
C ILE A 176 -16.14 -13.29 13.34
N GLN A 177 -16.04 -12.53 14.45
CA GLN A 177 -14.74 -12.06 14.91
C GLN A 177 -13.89 -13.19 15.48
N LYS A 178 -14.52 -14.17 16.14
CA LYS A 178 -13.74 -15.28 16.68
C LYS A 178 -13.18 -16.13 15.55
N ILE A 179 -14.01 -16.47 14.57
CA ILE A 179 -13.58 -17.36 13.49
C ILE A 179 -12.43 -16.71 12.72
N GLU A 180 -12.53 -15.41 12.44
CA GLU A 180 -11.54 -14.71 11.66
C GLU A 180 -10.25 -14.43 12.44
N LYS A 181 -10.34 -14.31 13.76
CA LYS A 181 -9.12 -14.28 14.57
C LYS A 181 -8.37 -15.59 14.44
N ILE A 182 -9.09 -16.68 14.21
CA ILE A 182 -8.43 -17.96 14.00
C ILE A 182 -7.70 -17.98 12.65
N LEU A 183 -8.29 -17.38 11.60
CA LEU A 183 -7.56 -17.19 10.34
C LEU A 183 -6.40 -16.24 10.50
N GLN A 184 -6.53 -15.24 11.37
CA GLN A 184 -5.41 -14.37 11.73
C GLN A 184 -4.24 -15.17 12.31
N TRP A 185 -4.53 -16.14 13.18
CA TRP A 185 -3.45 -16.93 13.75
C TRP A 185 -2.75 -17.79 12.70
N PHE A 186 -3.50 -18.46 11.80
CA PHE A 186 -2.84 -19.23 10.73
C PHE A 186 -1.91 -18.33 9.93
N GLU A 187 -2.40 -17.19 9.43
CA GLU A 187 -1.59 -16.33 8.58
C GLU A 187 -0.43 -15.72 9.35
N ASN A 188 -0.52 -15.69 10.68
CA ASN A 188 0.57 -15.19 11.50
C ASN A 188 1.78 -16.13 11.42
N GLN A 189 1.74 -17.14 10.53
CA GLN A 189 2.88 -18.05 10.35
C GLN A 189 2.88 -18.96 9.13
N LYS A 190 3.38 -18.56 7.94
CA LYS A 190 3.12 -19.48 6.83
C LYS A 190 4.07 -19.20 5.63
N GLN A 191 3.80 -19.90 4.46
CA GLN A 191 4.57 -20.09 3.22
C GLN A 191 3.80 -19.74 1.94
N LEU A 192 2.76 -18.90 2.00
CA LEU A 192 1.88 -18.67 0.86
C LEU A 192 1.38 -17.25 0.88
N ASN A 193 1.26 -16.65 -0.30
CA ASN A 193 0.80 -15.28 -0.41
C ASN A 193 -0.52 -15.26 -1.16
N PHE A 194 -1.49 -14.54 -0.61
CA PHE A 194 -2.85 -14.50 -1.16
C PHE A 194 -3.15 -13.10 -1.67
N TYR A 195 -3.30 -12.97 -2.98
CA TYR A 195 -3.69 -11.71 -3.58
C TYR A 195 -5.07 -11.85 -4.19
N ALA A 196 -5.90 -10.85 -3.95
CA ALA A 196 -7.27 -10.75 -4.43
C ALA A 196 -8.17 -11.84 -3.81
N SER A 197 -7.72 -12.46 -2.74
CA SER A 197 -8.55 -13.43 -2.04
C SER A 197 -9.70 -12.73 -1.31
N SER A 198 -10.65 -13.52 -0.83
CA SER A 198 -11.81 -12.98 -0.13
C SER A 198 -12.18 -13.88 1.04
N LEU A 199 -12.94 -13.29 1.96
CA LEU A 199 -13.66 -14.04 2.97
C LEU A 199 -15.14 -14.03 2.63
N LEU A 200 -15.77 -15.17 2.82
CA LEU A 200 -17.22 -15.30 2.69
C LEU A 200 -17.80 -15.39 4.10
N PHE A 201 -18.67 -14.45 4.43
CA PHE A 201 -19.40 -14.46 5.70
C PHE A 201 -20.82 -14.94 5.46
N VAL A 202 -21.25 -15.98 6.20
CA VAL A 202 -22.66 -16.37 6.28
C VAL A 202 -23.10 -16.38 7.73
N TYR A 203 -24.31 -15.88 8.01
CA TYR A 203 -24.99 -16.12 9.28
C TYR A 203 -26.46 -16.41 9.01
N GLU A 204 -27.18 -16.86 10.04
CA GLU A 204 -28.58 -17.26 9.88
C GLU A 204 -29.52 -16.07 10.07
N GLY A 205 -30.23 -15.71 9.00
CA GLY A 205 -31.14 -14.58 8.96
C GLY A 205 -32.48 -14.78 9.61
N SER A 206 -32.78 -15.98 10.11
CA SER A 206 -33.98 -16.23 10.91
C SER A 206 -33.69 -17.29 11.97
N SER A 207 -34.23 -18.49 11.80
CA SER A 207 -33.90 -19.63 12.65
C SER A 207 -34.51 -20.88 12.03
N GLN A 208 -34.06 -22.03 12.51
CA GLN A 208 -34.70 -23.31 12.22
C GLN A 208 -35.06 -24.01 13.53
N ALA A 239 -23.72 -17.67 18.26
CA ALA A 239 -24.46 -17.81 17.01
C ALA A 239 -23.86 -18.94 16.19
N GLU A 240 -24.39 -19.18 14.98
CA GLU A 240 -23.83 -20.13 14.02
C GLU A 240 -23.54 -19.36 12.74
N VAL A 241 -22.25 -19.16 12.45
CA VAL A 241 -21.81 -18.41 11.28
C VAL A 241 -20.72 -19.19 10.54
N GLU A 242 -20.54 -18.85 9.27
CA GLU A 242 -19.42 -19.35 8.48
C GLU A 242 -18.54 -18.18 8.06
N VAL A 243 -17.22 -18.37 8.17
CA VAL A 243 -16.24 -17.46 7.57
C VAL A 243 -15.25 -18.33 6.79
N ARG A 244 -15.32 -18.28 5.47
CA ARG A 244 -14.46 -19.12 4.64
C ARG A 244 -13.63 -18.26 3.72
N MET A 245 -12.38 -18.64 3.52
CA MET A 245 -11.57 -18.06 2.46
C MET A 245 -11.99 -18.64 1.12
N ILE A 246 -11.96 -17.83 0.06
CA ILE A 246 -12.50 -18.40 -1.18
C ILE A 246 -11.72 -18.22 -2.48
N ASP A 247 -11.39 -17.01 -2.90
CA ASP A 247 -10.96 -16.84 -4.30
C ASP A 247 -9.45 -17.07 -4.42
N PHE A 248 -9.02 -18.09 -5.19
CA PHE A 248 -7.63 -18.53 -5.11
C PHE A 248 -6.89 -18.54 -6.45
N ALA A 249 -7.30 -17.75 -7.42
CA ALA A 249 -6.52 -17.71 -8.66
C ALA A 249 -5.22 -16.90 -8.56
N HIS A 250 -4.86 -16.34 -7.40
CA HIS A 250 -3.63 -15.54 -7.30
C HIS A 250 -2.93 -15.79 -5.98
N VAL A 251 -2.67 -17.04 -5.70
CA VAL A 251 -1.94 -17.48 -4.53
C VAL A 251 -0.57 -17.94 -4.99
N PHE A 252 0.47 -17.55 -4.27
CA PHE A 252 1.82 -17.77 -4.75
C PHE A 252 2.70 -18.26 -3.61
N PRO A 253 3.76 -19.02 -3.93
CA PRO A 253 4.69 -19.47 -2.90
C PRO A 253 5.41 -18.28 -2.30
N SER A 254 5.70 -18.37 -1.02
CA SER A 254 6.04 -17.17 -0.30
C SER A 254 7.33 -17.28 0.48
N ASN A 255 8.03 -16.15 0.53
CA ASN A 255 9.03 -15.84 1.53
C ASN A 255 8.80 -14.39 1.97
N THR A 256 8.15 -14.19 3.12
CA THR A 256 7.46 -15.29 3.80
C THR A 256 6.10 -14.78 4.34
N ILE A 257 6.04 -14.17 5.53
CA ILE A 257 4.75 -13.83 6.12
C ILE A 257 4.02 -12.84 5.22
N ASP A 258 2.72 -13.09 5.03
CA ASP A 258 1.89 -12.31 4.12
C ASP A 258 1.40 -11.08 4.88
N GLU A 259 2.13 -9.96 4.74
CA GLU A 259 1.84 -8.80 5.58
C GLU A 259 0.62 -8.03 5.09
N GLY A 260 0.45 -7.88 3.77
CA GLY A 260 -0.77 -7.29 3.22
C GLY A 260 -2.04 -7.97 3.71
N TYR A 261 -1.99 -9.28 3.90
CA TYR A 261 -3.18 -10.02 4.33
C TYR A 261 -3.39 -9.89 5.82
N VAL A 262 -2.32 -9.94 6.61
CA VAL A 262 -2.46 -9.70 8.05
C VAL A 262 -2.90 -8.26 8.32
N TYR A 263 -2.38 -7.31 7.54
CA TYR A 263 -2.88 -5.94 7.60
C TYR A 263 -4.40 -5.93 7.45
N GLY A 264 -4.89 -6.38 6.30
CA GLY A 264 -6.33 -6.33 6.04
C GLY A 264 -7.14 -7.08 7.06
N LEU A 265 -6.67 -8.26 7.48
CA LEU A 265 -7.38 -8.97 8.53
C LEU A 265 -7.50 -8.09 9.76
N LYS A 266 -6.41 -7.41 10.13
CA LYS A 266 -6.38 -6.67 11.38
C LYS A 266 -7.34 -5.48 11.36
N HIS A 267 -7.34 -4.71 10.25
CA HIS A 267 -8.30 -3.60 10.11
C HIS A 267 -9.75 -4.08 10.09
N LEU A 268 -10.01 -5.27 9.54
CA LEU A 268 -11.37 -5.79 9.53
C LEU A 268 -11.82 -6.22 10.91
N ILE A 269 -10.92 -6.84 11.70
CA ILE A 269 -11.27 -7.15 13.08
C ILE A 269 -11.47 -5.85 13.86
N SER A 270 -10.73 -4.80 13.50
CA SER A 270 -10.94 -3.50 14.11
C SER A 270 -12.35 -3.01 13.84
N VAL A 271 -12.72 -2.88 12.57
CA VAL A 271 -14.04 -2.40 12.20
C VAL A 271 -15.12 -3.26 12.84
N LEU A 272 -14.88 -4.57 12.94
CA LEU A 272 -15.90 -5.42 13.52
C LEU A 272 -15.94 -5.31 15.04
N ARG A 273 -14.80 -5.02 15.67
CA ARG A 273 -14.80 -4.86 17.12
C ARG A 273 -15.58 -3.62 17.53
N SER A 274 -15.40 -2.52 16.79
CA SER A 274 -16.08 -1.28 17.17
C SER A 274 -17.55 -1.34 16.81
N ILE A 275 -17.93 -2.16 15.83
CA ILE A 275 -19.33 -2.43 15.61
C ILE A 275 -19.93 -3.14 16.83
N LEU A 276 -19.13 -3.97 17.49
CA LEU A 276 -19.55 -4.64 18.72
C LEU A 276 -19.65 -3.69 19.90
N ASP A 277 -19.16 -2.45 19.78
CA ASP A 277 -19.37 -1.43 20.81
C ASP A 277 -20.19 -0.28 20.26
N HIS B 5 12.84 24.85 1.00
CA HIS B 5 12.40 24.55 -0.37
C HIS B 5 11.93 25.85 -0.97
N HIS B 6 10.63 26.00 -0.89
CA HIS B 6 9.88 27.19 -1.28
C HIS B 6 10.71 28.45 -1.56
N HIS B 7 11.57 28.86 -0.61
CA HIS B 7 12.17 30.21 -0.61
C HIS B 7 11.15 31.28 -0.96
N GLY B 17 23.41 32.31 2.01
CA GLY B 17 23.21 31.10 1.22
C GLY B 17 22.16 30.15 1.79
N THR B 18 20.94 30.66 1.95
CA THR B 18 19.91 29.99 2.71
C THR B 18 18.63 29.90 1.88
N VAL B 19 17.77 28.95 2.23
CA VAL B 19 16.41 28.88 1.71
C VAL B 19 15.45 29.02 2.87
N LEU B 20 14.22 29.44 2.55
CA LEU B 20 13.19 29.59 3.58
C LEU B 20 12.00 28.72 3.19
N LYS B 21 11.80 27.63 3.92
CA LYS B 21 10.62 26.83 3.67
C LYS B 21 9.45 27.42 4.44
N GLN B 22 8.35 27.65 3.74
CA GLN B 22 7.16 28.15 4.40
C GLN B 22 6.44 27.02 5.10
N LEU B 23 5.98 27.27 6.32
CA LEU B 23 5.26 26.28 7.08
C LEU B 23 3.80 26.32 6.66
N GLN B 24 3.23 25.15 6.37
CA GLN B 24 1.86 25.04 5.89
C GLN B 24 0.89 25.28 7.03
N PRO B 25 -0.40 25.42 6.74
CA PRO B 25 -1.41 25.55 7.80
C PRO B 25 -1.49 24.31 8.66
N PRO B 26 -2.01 24.44 9.88
CA PRO B 26 -2.20 23.26 10.72
C PRO B 26 -3.09 22.25 10.04
N PRO B 27 -2.89 20.94 10.31
CA PRO B 27 -1.90 20.38 11.24
C PRO B 27 -0.48 20.25 10.67
N ARG B 28 -0.32 20.54 9.37
CA ARG B 28 0.91 20.16 8.68
C ARG B 28 2.08 21.04 9.11
N GLY B 29 1.90 22.36 9.11
CA GLY B 29 2.90 23.29 9.59
C GLY B 29 3.43 22.94 10.97
N PRO B 30 2.54 22.90 11.96
CA PRO B 30 3.01 22.60 13.33
C PRO B 30 3.75 21.27 13.42
N ARG B 31 3.32 20.27 12.66
CA ARG B 31 4.02 18.99 12.67
C ARG B 31 5.46 19.14 12.16
N GLU B 32 5.67 19.93 11.09
CA GLU B 32 7.02 20.09 10.54
C GLU B 32 7.90 20.90 11.48
N LEU B 33 7.34 21.92 12.13
CA LEU B 33 8.08 22.64 13.16
C LEU B 33 8.50 21.71 14.30
N GLU B 34 7.59 20.82 14.73
CA GLU B 34 7.91 19.87 15.81
C GLU B 34 9.07 18.99 15.42
N PHE B 35 8.99 18.37 14.23
CA PHE B 35 10.06 17.53 13.73
C PHE B 35 11.40 18.26 13.78
N TYR B 36 11.44 19.50 13.29
CA TYR B 36 12.71 20.18 13.19
C TYR B 36 13.28 20.50 14.56
N ASN B 37 12.40 20.88 15.49
CA ASN B 37 12.83 21.24 16.83
C ASN B 37 13.30 20.01 17.60
N MET B 38 12.61 18.88 17.43
CA MET B 38 13.06 17.64 18.07
C MET B 38 14.42 17.19 17.56
N VAL B 39 14.62 17.19 16.24
CA VAL B 39 15.87 16.72 15.69
C VAL B 39 17.02 17.68 16.03
N TYR B 40 16.73 18.98 16.06
CA TYR B 40 17.77 19.98 16.23
C TYR B 40 17.77 20.60 17.63
N ALA B 41 17.09 19.95 18.57
CA ALA B 41 17.04 20.43 19.94
C ALA B 41 18.43 20.65 20.53
N ALA B 42 18.56 21.73 21.30
CA ALA B 42 19.84 22.01 21.95
C ALA B 42 20.17 20.98 23.02
N ASP B 43 19.15 20.41 23.67
CA ASP B 43 19.33 19.41 24.71
C ASP B 43 19.18 17.99 24.17
N CYS B 44 19.40 17.79 22.87
CA CYS B 44 19.19 16.49 22.26
C CYS B 44 20.48 15.68 22.33
N PHE B 45 20.40 14.54 23.00
CA PHE B 45 21.53 13.63 23.16
C PHE B 45 21.22 12.24 22.60
N ASP B 46 20.11 12.11 21.87
CA ASP B 46 19.67 10.86 21.25
C ASP B 46 20.48 10.65 19.98
N GLY B 47 21.32 9.60 19.98
CA GLY B 47 22.24 9.41 18.86
C GLY B 47 21.55 9.08 17.56
N VAL B 48 20.37 8.46 17.61
CA VAL B 48 19.59 8.19 16.41
C VAL B 48 19.18 9.50 15.74
N LEU B 49 18.64 10.45 16.50
CA LEU B 49 18.28 11.75 15.93
C LEU B 49 19.51 12.57 15.60
N LEU B 50 20.61 12.33 16.30
CA LEU B 50 21.81 13.10 15.98
C LEU B 50 22.45 12.63 14.69
N GLU B 51 22.26 11.36 14.33
CA GLU B 51 22.74 10.91 13.04
C GLU B 51 21.85 11.42 11.92
N LEU B 52 20.54 11.51 12.18
CA LEU B 52 19.60 12.06 11.22
C LEU B 52 20.04 13.42 10.71
N ARG B 53 20.70 14.22 11.56
CA ARG B 53 21.20 15.52 11.12
C ARG B 53 22.22 15.41 10.00
N LYS B 54 22.95 14.29 9.91
CA LYS B 54 23.89 14.11 8.82
C LYS B 54 23.21 14.21 7.47
N TYR B 55 21.93 13.84 7.41
CA TYR B 55 21.23 13.69 6.15
C TYR B 55 20.25 14.80 5.83
N LEU B 56 19.97 15.69 6.78
CA LEU B 56 19.07 16.79 6.53
C LEU B 56 19.86 18.01 6.10
N PRO B 57 19.21 19.04 5.60
CA PRO B 57 19.88 20.33 5.49
C PRO B 57 20.06 20.92 6.88
N LYS B 58 21.13 21.71 7.01
CA LYS B 58 21.35 22.50 8.21
C LYS B 58 20.13 23.37 8.51
N TYR B 59 19.73 23.38 9.77
CA TYR B 59 18.61 24.16 10.26
C TYR B 59 19.13 25.35 11.06
N TYR B 60 18.51 26.52 10.86
CA TYR B 60 19.04 27.75 11.43
C TYR B 60 18.05 28.42 12.36
N GLY B 61 16.84 27.92 12.42
CA GLY B 61 15.81 28.48 13.25
C GLY B 61 14.64 28.93 12.42
N ILE B 62 13.76 29.65 13.08
CA ILE B 62 12.50 30.09 12.51
C ILE B 62 12.66 31.54 12.06
N TRP B 63 11.90 31.92 11.04
CA TRP B 63 12.00 33.26 10.48
C TRP B 63 10.61 33.67 10.02
N SER B 64 10.30 34.95 10.17
CA SER B 64 9.10 35.51 9.57
C SER B 64 9.42 36.86 8.94
N PRO B 65 8.76 37.19 7.83
CA PRO B 65 8.94 38.51 7.24
C PRO B 65 8.51 39.59 8.20
N PRO B 66 9.20 40.73 8.19
CA PRO B 66 8.91 41.78 9.19
C PRO B 66 7.52 42.37 9.06
N THR B 67 6.92 42.31 7.87
CA THR B 67 5.58 42.81 7.64
C THR B 67 4.51 41.72 7.70
N ALA B 68 4.87 40.47 7.94
CA ALA B 68 3.89 39.39 8.14
C ALA B 68 4.38 38.46 9.24
N PRO B 69 4.54 38.97 10.47
CA PRO B 69 5.25 38.22 11.50
C PRO B 69 4.51 36.98 11.98
N ASN B 70 3.31 36.71 11.48
CA ASN B 70 2.62 35.46 11.80
C ASN B 70 2.82 34.39 10.73
N ASP B 71 3.68 34.66 9.76
CA ASP B 71 3.92 33.80 8.62
C ASP B 71 5.30 33.18 8.81
N LEU B 72 5.33 31.89 9.14
CA LEU B 72 6.53 31.26 9.66
C LEU B 72 7.24 30.43 8.59
N TYR B 73 8.55 30.60 8.54
CA TYR B 73 9.41 29.90 7.61
C TYR B 73 10.51 29.19 8.38
N LEU B 74 10.87 27.99 7.92
CA LEU B 74 12.11 27.36 8.35
C LEU B 74 13.26 27.95 7.55
N LYS B 75 14.34 28.32 8.23
CA LYS B 75 15.53 28.85 7.58
C LYS B 75 16.53 27.69 7.45
N LEU B 76 16.75 27.24 6.22
CA LEU B 76 17.56 26.05 6.00
C LEU B 76 18.73 26.36 5.07
N GLU B 77 19.78 25.54 5.18
CA GLU B 77 20.86 25.60 4.23
C GLU B 77 20.35 25.31 2.83
N ASP B 78 20.80 26.11 1.86
CA ASP B 78 20.63 25.81 0.45
C ASP B 78 21.75 24.85 0.05
N VAL B 79 21.44 23.56 -0.02
CA VAL B 79 22.47 22.58 -0.39
C VAL B 79 22.86 22.73 -1.84
N THR B 80 22.11 23.52 -2.61
CA THR B 80 22.43 23.85 -3.99
C THR B 80 23.50 24.95 -4.08
N HIS B 81 23.44 25.94 -3.19
CA HIS B 81 24.39 27.05 -3.17
C HIS B 81 25.75 26.50 -2.77
N LYS B 82 26.60 26.28 -3.78
CA LYS B 82 27.92 25.65 -3.69
C LYS B 82 28.27 25.16 -5.10
N PHE B 83 27.25 24.83 -5.87
CA PHE B 83 27.44 24.33 -7.22
C PHE B 83 27.39 25.48 -8.19
N ASN B 84 28.15 25.37 -9.28
CA ASN B 84 28.07 26.38 -10.31
C ASN B 84 26.76 26.24 -11.08
N LYS B 85 26.53 25.06 -11.65
CA LYS B 85 25.30 24.77 -12.38
C LYS B 85 24.71 23.49 -11.79
N PRO B 86 24.00 23.60 -10.65
CA PRO B 86 23.49 22.39 -9.99
C PRO B 86 22.38 21.73 -10.80
N CYS B 87 22.51 20.43 -11.00
CA CYS B 87 21.40 19.61 -11.48
C CYS B 87 20.70 19.03 -10.26
N ILE B 88 19.37 19.07 -10.25
CA ILE B 88 18.59 18.79 -9.05
C ILE B 88 17.44 17.83 -9.36
N MET B 89 17.24 16.86 -8.49
CA MET B 89 16.11 15.95 -8.60
C MET B 89 15.51 15.73 -7.23
N ASP B 90 14.18 15.72 -7.19
CA ASP B 90 13.40 15.49 -5.98
C ASP B 90 12.64 14.18 -6.14
N VAL B 91 12.88 13.21 -5.25
CA VAL B 91 12.25 11.88 -5.33
C VAL B 91 11.45 11.60 -4.06
N LYS B 92 10.13 11.54 -4.19
CA LYS B 92 9.29 11.11 -3.08
C LYS B 92 9.54 9.62 -2.80
N ILE B 93 9.72 9.27 -1.53
CA ILE B 93 10.14 7.94 -1.11
C ILE B 93 8.99 7.29 -0.35
N GLY B 94 8.76 5.99 -0.60
CA GLY B 94 7.85 5.18 0.19
C GLY B 94 6.85 4.42 -0.68
N GLN B 95 6.07 3.59 -0.01
CA GLN B 95 5.07 2.81 -0.73
C GLN B 95 3.67 3.38 -0.65
N LYS B 96 3.37 4.11 0.42
CA LYS B 96 2.25 5.04 0.44
C LYS B 96 2.77 6.41 0.01
N SER B 97 2.01 7.12 -0.81
CA SER B 97 2.43 8.46 -1.24
C SER B 97 1.74 9.56 -0.44
N TYR B 98 0.98 9.19 0.59
CA TYR B 98 0.05 10.07 1.27
C TYR B 98 0.24 9.92 2.77
N ASP B 99 -0.19 10.94 3.48
CA ASP B 99 -0.29 10.84 4.91
C ASP B 99 -1.48 9.93 5.21
N PRO B 100 -1.29 8.82 5.93
CA PRO B 100 -2.42 7.93 6.25
C PRO B 100 -3.50 8.56 7.11
N PHE B 101 -3.31 9.81 7.57
CA PHE B 101 -4.31 10.51 8.38
C PHE B 101 -5.11 11.53 7.60
N ALA B 102 -4.72 11.83 6.37
CA ALA B 102 -5.48 12.79 5.57
C ALA B 102 -6.89 12.25 5.32
N SER B 103 -7.75 13.12 4.78
CA SER B 103 -9.11 12.72 4.49
C SER B 103 -9.11 11.64 3.42
N SER B 104 -10.11 10.75 3.48
CA SER B 104 -10.24 9.72 2.45
C SER B 104 -10.19 10.31 1.06
N GLU B 105 -10.80 11.48 0.85
CA GLU B 105 -10.74 12.09 -0.47
C GLU B 105 -9.33 12.51 -0.82
N LYS B 106 -8.54 12.91 0.18
CA LYS B 106 -7.15 13.30 -0.04
C LYS B 106 -6.29 12.07 -0.34
N ILE B 107 -6.49 10.98 0.41
CA ILE B 107 -5.79 9.74 0.09
C ILE B 107 -6.14 9.30 -1.34
N GLN B 108 -7.40 9.46 -1.74
CA GLN B 108 -7.83 9.00 -3.04
C GLN B 108 -7.11 9.72 -4.17
N GLN B 109 -7.04 11.06 -4.09
CA GLN B 109 -6.34 11.82 -5.13
C GLN B 109 -4.87 11.46 -5.16
N GLN B 110 -4.23 11.31 -4.00
CA GLN B 110 -2.81 10.95 -3.98
C GLN B 110 -2.59 9.60 -4.64
N VAL B 111 -3.38 8.59 -4.26
CA VAL B 111 -3.20 7.25 -4.78
C VAL B 111 -3.46 7.21 -6.29
N SER B 112 -4.50 7.91 -6.76
CA SER B 112 -4.79 7.90 -8.19
C SER B 112 -3.72 8.65 -8.97
N LYS B 113 -3.20 9.75 -8.41
CA LYS B 113 -2.08 10.45 -9.01
C LYS B 113 -0.93 9.51 -9.36
N TYR B 114 -0.67 8.48 -8.56
CA TYR B 114 0.37 7.50 -8.89
C TYR B 114 0.06 6.11 -8.34
N PRO B 115 -0.79 5.35 -9.03
CA PRO B 115 -1.12 3.99 -8.57
C PRO B 115 0.09 3.08 -8.42
N LEU B 116 1.17 3.35 -9.16
CA LEU B 116 2.33 2.46 -9.11
C LEU B 116 3.17 2.64 -7.85
N MET B 117 2.76 3.48 -6.90
CA MET B 117 3.62 3.77 -5.77
C MET B 117 3.91 2.52 -4.94
N GLU B 118 2.87 1.72 -4.65
CA GLU B 118 3.06 0.51 -3.84
C GLU B 118 4.16 -0.37 -4.44
N GLU B 119 4.16 -0.51 -5.76
CA GLU B 119 5.09 -1.44 -6.41
C GLU B 119 6.48 -0.86 -6.59
N ILE B 120 6.59 0.39 -7.07
CA ILE B 120 7.92 0.94 -7.31
C ILE B 120 8.56 1.45 -6.01
N GLY B 121 7.78 2.06 -5.12
CA GLY B 121 8.31 2.52 -3.87
C GLY B 121 8.94 3.90 -3.92
N PHE B 122 8.85 4.59 -5.04
CA PHE B 122 9.33 5.97 -5.10
C PHE B 122 8.73 6.64 -6.33
N LEU B 123 8.73 7.97 -6.30
CA LEU B 123 8.17 8.73 -7.40
C LEU B 123 9.01 9.98 -7.66
N VAL B 124 9.44 10.15 -8.90
CA VAL B 124 10.21 11.33 -9.26
C VAL B 124 9.26 12.51 -9.31
N LEU B 125 9.50 13.52 -8.47
CA LEU B 125 8.61 14.67 -8.44
C LEU B 125 9.04 15.75 -9.43
N GLY B 126 10.33 15.91 -9.62
CA GLY B 126 10.82 16.83 -10.61
C GLY B 126 12.32 16.74 -10.73
N MET B 127 12.83 17.28 -11.83
CA MET B 127 14.26 17.46 -11.98
C MET B 127 14.53 18.73 -12.76
N ARG B 128 15.67 19.35 -12.45
CA ARG B 128 16.21 20.47 -13.21
C ARG B 128 17.62 20.08 -13.61
N VAL B 129 17.83 19.90 -14.92
CA VAL B 129 19.10 19.37 -15.41
C VAL B 129 19.76 20.43 -16.29
N TYR B 130 20.95 20.84 -15.89
CA TYR B 130 21.73 21.76 -16.70
C TYR B 130 22.41 20.99 -17.83
N HIS B 131 22.20 21.46 -19.05
CA HIS B 131 22.84 20.88 -20.22
C HIS B 131 23.90 21.82 -20.75
N VAL B 132 25.15 21.35 -20.82
CA VAL B 132 26.25 22.21 -21.25
C VAL B 132 26.10 22.57 -22.72
N HIS B 133 25.59 21.65 -23.54
CA HIS B 133 25.21 22.04 -24.88
C HIS B 133 24.12 23.10 -24.82
N SER B 134 24.32 24.17 -25.58
CA SER B 134 23.49 25.37 -25.50
C SER B 134 23.01 25.72 -24.08
N ASP B 135 23.87 25.54 -23.09
CA ASP B 135 23.89 26.32 -21.85
C ASP B 135 22.51 26.71 -21.31
N SER B 136 21.74 25.73 -20.83
CA SER B 136 20.35 25.97 -20.46
C SER B 136 19.84 24.79 -19.66
N TYR B 137 18.87 25.06 -18.79
CA TYR B 137 18.29 24.03 -17.95
C TYR B 137 17.15 23.34 -18.66
N GLU B 138 17.17 22.00 -18.65
CA GLU B 138 15.96 21.21 -18.88
C GLU B 138 15.22 21.01 -17.57
N THR B 139 13.88 21.06 -17.63
CA THR B 139 13.03 20.99 -16.46
C THR B 139 11.99 19.89 -16.62
N GLU B 140 11.63 19.20 -15.53
CA GLU B 140 10.59 18.17 -15.55
C GLU B 140 9.71 18.32 -14.33
N ASN B 141 8.42 18.58 -14.53
CA ASN B 141 7.49 18.74 -13.43
C ASN B 141 6.89 17.39 -13.02
N GLN B 142 5.82 17.42 -12.22
CA GLN B 142 5.37 16.22 -11.53
C GLN B 142 4.77 15.21 -12.50
N HIS B 143 4.14 15.67 -13.58
CA HIS B 143 3.47 14.73 -14.46
C HIS B 143 4.46 13.94 -15.30
N TYR B 144 5.71 14.38 -15.38
CA TYR B 144 6.76 13.50 -15.89
C TYR B 144 6.83 12.24 -15.04
N GLY B 145 7.23 12.37 -13.77
CA GLY B 145 7.39 11.20 -12.90
C GLY B 145 6.13 10.34 -12.79
N ARG B 146 4.95 10.96 -12.87
CA ARG B 146 3.71 10.19 -12.81
C ARG B 146 3.49 9.37 -14.08
N SER B 147 4.15 9.71 -15.18
CA SER B 147 4.02 8.93 -16.40
C SER B 147 4.93 7.70 -16.43
N LEU B 148 5.76 7.50 -15.42
CA LEU B 148 6.73 6.42 -15.42
C LEU B 148 6.10 5.11 -14.93
N THR B 149 6.42 4.02 -15.62
CA THR B 149 5.95 2.68 -15.30
C THR B 149 7.15 1.81 -14.96
N LYS B 150 6.89 0.61 -14.42
CA LYS B 150 7.97 -0.35 -14.20
C LYS B 150 8.77 -0.52 -15.47
N GLU B 151 8.08 -0.57 -16.60
CA GLU B 151 8.70 -0.62 -17.90
C GLU B 151 9.64 0.60 -18.10
N THR B 152 9.20 1.78 -17.66
CA THR B 152 9.81 3.04 -18.06
C THR B 152 10.79 3.64 -17.04
N ILE B 153 10.88 3.07 -15.84
CA ILE B 153 11.45 3.79 -14.70
C ILE B 153 13.00 3.94 -14.77
N LYS B 154 13.72 2.96 -15.32
CA LYS B 154 15.18 3.09 -15.39
C LYS B 154 15.60 4.20 -16.35
N ASP B 155 15.01 4.21 -17.54
CA ASP B 155 15.26 5.31 -18.47
C ASP B 155 14.83 6.63 -17.85
N GLY B 156 13.66 6.64 -17.20
CA GLY B 156 13.13 7.88 -16.64
C GLY B 156 14.04 8.53 -15.62
N VAL B 157 14.63 7.73 -14.73
CA VAL B 157 15.57 8.30 -13.76
C VAL B 157 16.89 8.64 -14.45
N SER B 158 17.26 7.91 -15.50
CA SER B 158 18.52 8.16 -16.20
C SER B 158 18.58 9.55 -16.83
N ARG B 159 17.42 10.10 -17.20
CA ARG B 159 17.40 11.43 -17.80
C ARG B 159 18.06 12.48 -16.90
N PHE B 160 17.98 12.30 -15.57
CA PHE B 160 18.60 13.24 -14.65
C PHE B 160 20.13 13.25 -14.73
N PHE B 161 20.73 12.14 -15.14
CA PHE B 161 22.18 12.00 -15.17
C PHE B 161 22.78 12.22 -16.56
N HIS B 162 21.98 12.61 -17.55
CA HIS B 162 22.48 12.96 -18.88
C HIS B 162 22.83 14.44 -18.85
N ASN B 163 24.06 14.74 -18.47
CA ASN B 163 24.42 16.10 -18.09
C ASN B 163 25.21 16.73 -19.23
N GLY B 164 24.52 17.58 -20.00
CA GLY B 164 25.17 18.45 -20.93
C GLY B 164 25.17 17.92 -22.33
N TYR B 165 26.39 17.60 -22.79
CA TYR B 165 26.72 17.12 -24.15
C TYR B 165 27.89 16.13 -24.03
N CYS B 166 27.67 15.10 -23.22
CA CYS B 166 28.66 14.10 -22.86
C CYS B 166 27.89 13.03 -22.10
N LEU B 167 26.75 13.46 -21.54
CA LEU B 167 25.71 12.65 -20.91
C LEU B 167 26.29 11.49 -20.10
N ARG B 168 27.44 11.75 -19.47
CA ARG B 168 28.29 10.67 -19.00
C ARG B 168 27.64 9.89 -17.83
N LYS B 169 26.97 10.58 -16.90
CA LYS B 169 26.17 10.00 -15.79
C LYS B 169 26.97 9.54 -14.57
N ASP B 170 27.89 8.59 -14.80
CA ASP B 170 28.26 7.63 -13.77
C ASP B 170 29.12 8.24 -12.68
N ALA B 171 29.86 9.32 -13.00
CA ALA B 171 30.45 10.23 -12.03
C ALA B 171 29.57 10.22 -10.78
N VAL B 172 28.33 10.63 -10.98
CA VAL B 172 27.47 11.01 -9.87
C VAL B 172 26.43 9.93 -9.56
N ALA B 173 26.04 9.11 -10.55
CA ALA B 173 25.14 8.01 -10.22
C ALA B 173 25.68 7.20 -9.06
N ALA B 174 27.01 6.99 -8.99
CA ALA B 174 27.58 6.08 -7.99
C ALA B 174 27.67 6.73 -6.61
N SER B 175 28.23 7.94 -6.52
CA SER B 175 28.31 8.62 -5.21
C SER B 175 26.92 8.94 -4.66
N ILE B 176 25.92 9.01 -5.54
CA ILE B 176 24.55 9.06 -5.10
C ILE B 176 24.16 7.78 -4.37
N GLN B 177 24.54 6.60 -4.90
CA GLN B 177 24.29 5.34 -4.19
C GLN B 177 25.00 5.30 -2.84
N LYS B 178 26.26 5.73 -2.80
CA LYS B 178 26.97 5.73 -1.52
C LYS B 178 26.18 6.49 -0.48
N ILE B 179 25.58 7.62 -0.88
CA ILE B 179 24.92 8.44 0.11
C ILE B 179 23.53 7.88 0.46
N GLU B 180 22.79 7.33 -0.50
CA GLU B 180 21.55 6.67 -0.11
C GLU B 180 21.80 5.42 0.71
N LYS B 181 22.94 4.75 0.50
CA LYS B 181 23.22 3.55 1.29
C LYS B 181 23.34 3.89 2.78
N ILE B 182 23.99 5.02 3.08
CA ILE B 182 24.09 5.48 4.45
C ILE B 182 22.70 5.79 5.03
N LEU B 183 21.85 6.47 4.26
CA LEU B 183 20.51 6.80 4.77
C LEU B 183 19.73 5.53 5.08
N GLN B 184 19.78 4.56 4.18
CA GLN B 184 19.06 3.32 4.41
C GLN B 184 19.64 2.58 5.61
N TRP B 185 20.96 2.67 5.78
CA TRP B 185 21.59 2.14 6.98
C TRP B 185 20.96 2.75 8.22
N PHE B 186 20.72 4.07 8.22
CA PHE B 186 20.00 4.69 9.34
C PHE B 186 18.58 4.16 9.43
N GLU B 187 17.84 4.18 8.32
CA GLU B 187 16.44 3.78 8.34
C GLU B 187 16.30 2.33 8.75
N ASN B 188 17.38 1.55 8.64
CA ASN B 188 17.40 0.19 9.13
C ASN B 188 17.43 0.10 10.66
N GLN B 189 17.36 1.24 11.39
CA GLN B 189 17.52 1.26 12.85
C GLN B 189 16.95 2.56 13.44
N LYS B 190 15.66 2.59 13.80
CA LYS B 190 15.11 3.91 14.07
C LYS B 190 13.72 3.80 14.74
N GLN B 191 13.10 4.98 15.07
CA GLN B 191 11.89 5.20 15.88
C GLN B 191 10.93 6.26 15.30
N LEU B 192 10.90 6.43 13.98
CA LEU B 192 10.13 7.47 13.34
C LEU B 192 9.54 6.91 12.05
N ASN B 193 8.53 7.58 11.53
CA ASN B 193 7.87 7.11 10.34
C ASN B 193 7.58 8.29 9.43
N PHE B 194 8.14 8.26 8.21
CA PHE B 194 8.08 9.37 7.27
C PHE B 194 7.12 9.05 6.14
N TYR B 195 6.07 9.85 6.00
CA TYR B 195 5.16 9.77 4.86
C TYR B 195 5.34 11.03 4.00
N ALA B 196 5.27 10.84 2.67
CA ALA B 196 5.34 11.94 1.70
C ALA B 196 6.65 12.73 1.82
N SER B 197 7.70 12.08 2.29
CA SER B 197 9.03 12.68 2.44
C SER B 197 9.91 12.36 1.22
N SER B 198 10.94 13.18 1.01
CA SER B 198 11.70 13.12 -0.23
C SER B 198 13.22 13.06 0.00
N LEU B 199 13.88 12.62 -1.06
CA LEU B 199 15.32 12.75 -1.22
C LEU B 199 15.57 13.78 -2.31
N LEU B 200 16.44 14.73 -2.01
CA LEU B 200 16.90 15.76 -2.94
C LEU B 200 18.32 15.38 -3.38
N PHE B 201 18.49 15.13 -4.66
CA PHE B 201 19.80 14.84 -5.21
C PHE B 201 20.28 16.08 -5.94
N VAL B 202 21.55 16.40 -5.78
CA VAL B 202 22.17 17.40 -6.64
C VAL B 202 23.61 17.00 -6.92
N TYR B 203 24.00 17.16 -8.18
CA TYR B 203 25.39 17.04 -8.60
C TYR B 203 25.75 18.27 -9.43
N GLU B 204 27.06 18.43 -9.66
CA GLU B 204 27.59 19.59 -10.37
C GLU B 204 27.44 19.38 -11.88
N GLY B 205 26.69 20.28 -12.53
CA GLY B 205 26.36 20.13 -13.94
C GLY B 205 27.29 20.91 -14.85
N SER B 206 28.07 21.81 -14.27
CA SER B 206 29.16 22.43 -14.99
C SER B 206 30.46 22.05 -14.32
N SER B 207 30.73 20.74 -14.23
CA SER B 207 31.98 20.23 -13.66
C SER B 207 33.15 20.76 -14.47
N GLN B 208 33.36 22.07 -14.41
CA GLN B 208 34.29 22.79 -15.27
C GLN B 208 34.90 23.94 -14.47
N ALA B 239 32.89 12.50 -7.68
CA ALA B 239 31.88 13.53 -7.90
C ALA B 239 31.40 14.13 -6.59
N GLU B 240 31.39 15.46 -6.51
CA GLU B 240 30.75 16.15 -5.40
C GLU B 240 29.24 16.09 -5.60
N VAL B 241 28.54 15.42 -4.68
CA VAL B 241 27.12 15.15 -4.82
C VAL B 241 26.43 15.34 -3.47
N GLU B 242 25.17 15.76 -3.51
CA GLU B 242 24.33 15.87 -2.32
C GLU B 242 23.16 14.90 -2.45
N VAL B 243 22.85 14.20 -1.36
CA VAL B 243 21.54 13.60 -1.15
C VAL B 243 21.09 13.97 0.25
N ARG B 244 19.88 14.51 0.36
CA ARG B 244 19.38 15.04 1.61
C ARG B 244 17.90 14.73 1.71
N MET B 245 17.43 14.22 2.85
CA MET B 245 16.00 14.12 3.08
C MET B 245 15.43 15.50 3.33
N ILE B 246 14.16 15.74 2.92
CA ILE B 246 13.67 17.11 3.07
C ILE B 246 12.21 17.34 3.51
N ASP B 247 11.23 16.51 3.18
CA ASP B 247 9.84 16.97 3.43
C ASP B 247 9.23 16.32 4.68
N PHE B 248 8.99 17.14 5.72
CA PHE B 248 8.78 16.54 7.03
C PHE B 248 7.50 16.97 7.72
N ALA B 249 6.49 17.44 6.97
CA ALA B 249 5.18 17.74 7.54
C ALA B 249 4.35 16.50 7.87
N HIS B 250 4.85 15.30 7.61
CA HIS B 250 4.08 14.08 7.84
C HIS B 250 4.97 12.99 8.43
N VAL B 251 5.80 13.36 9.40
CA VAL B 251 6.60 12.40 10.17
C VAL B 251 5.88 12.14 11.48
N PHE B 252 5.79 10.87 11.88
CA PHE B 252 5.07 10.48 13.08
C PHE B 252 5.93 9.53 13.90
N PRO B 253 5.75 9.50 15.23
CA PRO B 253 6.48 8.53 16.05
C PRO B 253 6.04 7.11 15.70
N SER B 254 6.98 6.17 15.85
CA SER B 254 6.64 4.75 15.68
C SER B 254 7.49 3.92 16.63
N ASN B 255 7.13 2.63 16.73
CA ASN B 255 7.92 1.65 17.48
C ASN B 255 8.60 0.61 16.59
N THR B 256 8.33 0.60 15.30
CA THR B 256 8.88 -0.40 14.39
C THR B 256 9.74 0.27 13.32
N ILE B 257 10.31 -0.56 12.44
CA ILE B 257 11.07 -0.07 11.31
C ILE B 257 10.12 0.51 10.27
N ASP B 258 10.53 1.62 9.66
CA ASP B 258 9.75 2.20 8.56
C ASP B 258 9.84 1.31 7.33
N GLU B 259 8.99 0.29 7.25
CA GLU B 259 9.14 -0.70 6.19
C GLU B 259 8.89 -0.11 4.82
N GLY B 260 7.84 0.73 4.69
CA GLY B 260 7.54 1.34 3.40
C GLY B 260 8.68 2.20 2.87
N TYR B 261 9.48 2.78 3.78
CA TYR B 261 10.55 3.66 3.34
C TYR B 261 11.80 2.86 2.98
N VAL B 262 12.13 1.83 3.77
CA VAL B 262 13.26 0.97 3.45
C VAL B 262 13.06 0.32 2.09
N TYR B 263 11.81 -0.03 1.78
CA TYR B 263 11.47 -0.57 0.47
C TYR B 263 11.79 0.43 -0.64
N GLY B 264 11.30 1.65 -0.52
CA GLY B 264 11.55 2.65 -1.55
C GLY B 264 13.02 2.91 -1.78
N LEU B 265 13.80 2.99 -0.70
CA LEU B 265 15.23 3.19 -0.87
C LEU B 265 15.88 2.02 -1.60
N LYS B 266 15.57 0.79 -1.19
CA LYS B 266 16.20 -0.38 -1.80
C LYS B 266 15.93 -0.42 -3.31
N HIS B 267 14.68 -0.15 -3.70
CA HIS B 267 14.32 -0.07 -5.11
C HIS B 267 15.08 1.05 -5.84
N LEU B 268 15.23 2.24 -5.21
CA LEU B 268 15.93 3.33 -5.89
C LEU B 268 17.42 3.02 -6.05
N ILE B 269 18.05 2.51 -4.99
CA ILE B 269 19.41 1.97 -5.09
C ILE B 269 19.51 0.97 -6.24
N SER B 270 18.47 0.14 -6.40
CA SER B 270 18.51 -0.89 -7.41
C SER B 270 18.49 -0.32 -8.83
N VAL B 271 17.54 0.59 -9.14
CA VAL B 271 17.56 1.16 -10.48
C VAL B 271 18.78 2.06 -10.66
N LEU B 272 19.25 2.70 -9.60
CA LEU B 272 20.50 3.42 -9.75
C LEU B 272 21.65 2.46 -10.01
N ARG B 273 21.63 1.28 -9.38
CA ARG B 273 22.70 0.31 -9.62
C ARG B 273 22.66 -0.18 -11.07
N SER B 274 21.45 -0.45 -11.59
CA SER B 274 21.35 -0.87 -12.98
C SER B 274 21.70 0.27 -13.94
N ILE B 275 21.46 1.53 -13.56
CA ILE B 275 21.97 2.63 -14.36
C ILE B 275 23.49 2.66 -14.33
N LEU B 276 24.06 2.36 -13.17
CA LEU B 276 25.51 2.26 -13.10
C LEU B 276 26.04 1.19 -14.04
N ASP B 277 25.39 0.04 -14.08
CA ASP B 277 25.91 -1.12 -14.81
C ASP B 277 25.00 -1.54 -15.96
#